data_5ZJP
#
_entry.id   5ZJP
#
_cell.length_a   48.959
_cell.length_b   70.653
_cell.length_c   149.362
_cell.angle_alpha   90.000
_cell.angle_beta   90.000
_cell.angle_gamma   90.000
#
_symmetry.space_group_name_H-M   'P 21 21 21'
#
loop_
_entity.id
_entity.type
_entity.pdbx_description
1 polymer 'Putative N-acetylmannosamine-6-phosphate 2-epimerase'
2 non-polymer N-acetyl-D-glucosamine-6-phosphate
3 non-polymer 'TRIETHYLENE GLYCOL'
4 non-polymer DI(HYDROXYETHYL)ETHER
5 non-polymer 1,2-ETHANEDIOL
6 water water
#
_entity_poly.entity_id   1
_entity_poly.type   'polypeptide(L)'
_entity_poly.pdbx_seq_one_letter_code
;KNFLNIEELKRFLNGQTVVSIQPVTGSPLDKTDFIVAMAIAVEQAGAKALRIEGVSNVAAVSAAVTIPIIGIVKRDLPDS
PVRITPFVSDVDGLANAGATVIAFDATNRTRPESRERIAQAIKNTGCFAMADCSTFEDGLWANSQGVEIVGSTLSGYVGD
IEPTVPDFQLVKAFSEAGFFTMAEGRYNTPELAAKAIESGAVAVTVGSALTRLEVVTQWFNNATQAAGER
;
_entity_poly.pdbx_strand_id   A,B
#
loop_
_chem_comp.id
_chem_comp.type
_chem_comp.name
_chem_comp.formula
EDO non-polymer 1,2-ETHANEDIOL 'C2 H6 O2'
PEG non-polymer DI(HYDROXYETHYL)ETHER 'C4 H10 O3'
PGE non-polymer 'TRIETHYLENE GLYCOL' 'C6 H14 O4'
RFW non-polymer N-acetyl-D-glucosamine-6-phosphate 'C8 H14 N O9 P -2'
#
# COMPACT_ATOMS: atom_id res chain seq x y z
N PHE A 3 -6.19 -11.82 25.11
CA PHE A 3 -7.23 -12.63 25.76
C PHE A 3 -8.07 -11.82 26.76
N LEU A 4 -9.13 -12.47 27.26
CA LEU A 4 -9.93 -12.08 28.43
C LEU A 4 -10.40 -10.63 28.40
N ASN A 5 -10.69 -10.02 29.56
CA ASN A 5 -11.72 -8.98 29.66
C ASN A 5 -11.52 -7.80 28.69
N ILE A 6 -12.62 -7.05 28.49
CA ILE A 6 -12.67 -6.01 27.46
C ILE A 6 -11.69 -4.87 27.76
N GLU A 7 -11.59 -4.44 29.02
CA GLU A 7 -10.74 -3.28 29.31
C GLU A 7 -9.27 -3.62 29.30
N GLU A 8 -8.94 -4.91 29.35
CA GLU A 8 -7.60 -5.34 29.01
C GLU A 8 -7.36 -5.26 27.49
N LEU A 9 -8.39 -5.53 26.69
CA LEU A 9 -8.25 -5.33 25.24
C LEU A 9 -8.05 -3.86 24.87
N LYS A 10 -8.64 -2.95 25.66
CA LYS A 10 -8.63 -1.48 25.49
C LYS A 10 -7.31 -0.84 25.90
N ARG A 11 -6.52 -1.49 26.76
CA ARG A 11 -5.17 -0.99 26.95
C ARG A 11 -4.26 -1.50 25.85
N PHE A 12 -4.50 -2.74 25.40
CA PHE A 12 -3.72 -3.30 24.31
C PHE A 12 -3.93 -2.54 23.00
N LEU A 13 -5.15 -2.07 22.75
CA LEU A 13 -5.49 -1.42 21.48
C LEU A 13 -5.37 0.09 21.52
N ASN A 14 -4.99 0.68 22.65
CA ASN A 14 -5.01 2.13 22.78
C ASN A 14 -4.02 2.77 21.80
N GLY A 15 -4.52 3.70 20.98
CA GLY A 15 -3.68 4.38 20.02
C GLY A 15 -3.18 3.54 18.87
N GLN A 16 -3.71 2.33 18.70
CA GLN A 16 -3.22 1.41 17.69
C GLN A 16 -3.94 1.61 16.36
N THR A 17 -3.25 1.21 15.29
CA THR A 17 -3.85 1.13 13.96
C THR A 17 -4.16 -0.33 13.65
N VAL A 18 -5.40 -0.60 13.24
CA VAL A 18 -5.87 -1.96 13.00
C VAL A 18 -5.90 -2.16 11.48
N VAL A 19 -5.14 -3.14 11.00
CA VAL A 19 -4.98 -3.35 9.58
C VAL A 19 -6.09 -4.28 9.10
N SER A 20 -7.00 -3.73 8.29
CA SER A 20 -8.06 -4.51 7.66
C SER A 20 -7.53 -5.08 6.36
N ILE A 21 -7.30 -6.39 6.33
CA ILE A 21 -6.71 -7.06 5.17
C ILE A 21 -7.85 -7.67 4.38
N GLN A 22 -8.39 -6.88 3.44
CA GLN A 22 -9.49 -7.32 2.59
C GLN A 22 -9.17 -6.89 1.16
N PRO A 23 -8.44 -7.70 0.41
CA PRO A 23 -8.08 -7.35 -0.97
C PRO A 23 -9.32 -7.16 -1.84
N VAL A 24 -9.08 -6.57 -3.02
CA VAL A 24 -10.17 -6.37 -3.97
C VAL A 24 -10.69 -7.73 -4.44
N THR A 25 -12.02 -7.83 -4.54
CA THR A 25 -12.64 -9.09 -4.93
C THR A 25 -12.38 -9.37 -6.40
N GLY A 26 -11.99 -10.61 -6.71
CA GLY A 26 -11.62 -10.99 -8.06
C GLY A 26 -10.18 -10.67 -8.42
N SER A 27 -9.46 -9.94 -7.57
CA SER A 27 -8.09 -9.58 -7.86
C SER A 27 -7.18 -10.80 -7.80
N PRO A 28 -6.05 -10.79 -8.52
CA PRO A 28 -5.03 -11.81 -8.30
C PRO A 28 -4.53 -11.84 -6.87
N LEU A 29 -4.73 -10.77 -6.12
CA LEU A 29 -4.32 -10.65 -4.73
C LEU A 29 -5.37 -11.13 -3.75
N ASP A 30 -6.53 -11.56 -4.24
CA ASP A 30 -7.65 -11.99 -3.39
C ASP A 30 -7.55 -13.47 -3.06
N LYS A 31 -6.39 -13.90 -2.56
CA LYS A 31 -6.15 -15.29 -2.24
C LYS A 31 -5.69 -15.44 -0.80
N THR A 32 -6.09 -16.55 -0.18
CA THR A 32 -5.80 -16.80 1.22
C THR A 32 -4.31 -16.73 1.52
N ASP A 33 -3.48 -17.31 0.66
CA ASP A 33 -2.03 -17.31 0.89
C ASP A 33 -1.50 -15.89 0.99
N PHE A 34 -1.86 -15.03 0.03
CA PHE A 34 -1.39 -13.65 0.08
C PHE A 34 -1.99 -12.90 1.26
N ILE A 35 -3.20 -13.27 1.67
CA ILE A 35 -3.79 -12.66 2.86
C ILE A 35 -3.01 -13.05 4.11
N VAL A 36 -2.71 -14.33 4.27
CA VAL A 36 -1.92 -14.79 5.40
C VAL A 36 -0.53 -14.15 5.37
N ALA A 37 0.08 -14.07 4.19
CA ALA A 37 1.38 -13.42 4.06
C ALA A 37 1.34 -11.97 4.54
N MET A 38 0.32 -11.21 4.13
CA MET A 38 0.19 -9.85 4.61
C MET A 38 -0.04 -9.82 6.12
N ALA A 39 -0.82 -10.77 6.65
CA ALA A 39 -1.07 -10.82 8.08
C ALA A 39 0.22 -11.07 8.85
N ILE A 40 1.02 -12.05 8.41
CA ILE A 40 2.31 -12.30 9.02
C ILE A 40 3.20 -11.06 8.94
N ALA A 41 3.11 -10.33 7.83
CA ALA A 41 4.03 -9.21 7.61
C ALA A 41 3.69 -8.02 8.51
N VAL A 42 2.41 -7.65 8.59
CA VAL A 42 2.04 -6.49 9.39
C VAL A 42 2.26 -6.75 10.88
N GLU A 43 2.14 -8.01 11.32
CA GLU A 43 2.49 -8.36 12.68
C GLU A 43 3.96 -8.06 12.95
N GLN A 44 4.84 -8.46 12.02
CA GLN A 44 6.26 -8.16 12.16
C GLN A 44 6.54 -6.67 12.18
N ALA A 45 5.71 -5.88 11.48
CA ALA A 45 5.89 -4.44 11.44
C ALA A 45 5.26 -3.73 12.64
N GLY A 46 4.66 -4.47 13.58
CA GLY A 46 4.18 -3.90 14.81
C GLY A 46 2.67 -3.73 14.92
N ALA A 47 1.90 -4.18 13.93
CA ALA A 47 0.45 -4.11 14.02
C ALA A 47 -0.04 -5.07 15.11
N LYS A 48 -0.95 -4.58 15.96
CA LYS A 48 -1.43 -5.34 17.10
C LYS A 48 -2.82 -5.95 16.88
N ALA A 49 -3.46 -5.70 15.75
CA ALA A 49 -4.79 -6.24 15.52
C ALA A 49 -5.10 -6.18 14.03
N LEU A 50 -5.98 -7.08 13.59
CA LEU A 50 -6.35 -7.22 12.19
C LEU A 50 -7.87 -7.30 12.06
N ARG A 51 -8.38 -6.87 10.91
CA ARG A 51 -9.72 -7.21 10.46
C ARG A 51 -9.60 -8.12 9.25
N ILE A 52 -10.16 -9.33 9.35
CA ILE A 52 -10.09 -10.34 8.30
C ILE A 52 -11.51 -10.74 7.94
N GLU A 53 -11.76 -10.96 6.65
CA GLU A 53 -13.08 -11.32 6.14
C GLU A 53 -13.05 -12.75 5.61
N GLY A 54 -14.06 -13.54 5.98
CA GLY A 54 -14.16 -14.90 5.51
C GLY A 54 -13.79 -15.96 6.54
N VAL A 55 -14.67 -16.94 6.72
CA VAL A 55 -14.46 -17.99 7.73
C VAL A 55 -13.10 -18.65 7.53
N SER A 56 -12.79 -19.04 6.30
CA SER A 56 -11.57 -19.79 6.05
C SER A 56 -10.33 -18.91 5.96
N ASN A 57 -10.50 -17.60 5.70
CA ASN A 57 -9.38 -16.67 5.85
C ASN A 57 -9.06 -16.46 7.33
N VAL A 58 -10.08 -16.28 8.16
CA VAL A 58 -9.87 -16.17 9.60
C VAL A 58 -9.14 -17.41 10.13
N ALA A 59 -9.56 -18.59 9.68
CA ALA A 59 -8.91 -19.83 10.12
C ALA A 59 -7.43 -19.84 9.73
N ALA A 60 -7.14 -19.53 8.47
CA ALA A 60 -5.75 -19.53 8.01
C ALA A 60 -4.90 -18.49 8.75
N VAL A 61 -5.46 -17.30 8.96
CA VAL A 61 -4.67 -16.23 9.59
C VAL A 61 -4.47 -16.51 11.08
N SER A 62 -5.49 -17.05 11.75
CA SER A 62 -5.38 -17.28 13.19
C SER A 62 -4.37 -18.37 13.52
N ALA A 63 -4.07 -19.27 12.59
CA ALA A 63 -3.05 -20.28 12.81
C ALA A 63 -1.64 -19.77 12.53
N ALA A 64 -1.50 -18.53 12.03
CA ALA A 64 -0.21 -17.99 11.64
C ALA A 64 0.18 -16.73 12.38
N VAL A 65 -0.75 -16.02 13.01
CA VAL A 65 -0.40 -14.84 13.79
C VAL A 65 -0.79 -15.04 15.25
N THR A 66 -0.44 -14.07 16.09
CA THR A 66 -0.80 -14.08 17.50
C THR A 66 -1.63 -12.88 17.93
N ILE A 67 -1.67 -11.84 17.11
CA ILE A 67 -2.42 -10.61 17.40
C ILE A 67 -3.91 -10.89 17.20
N PRO A 68 -4.79 -10.17 17.90
CA PRO A 68 -6.23 -10.47 17.80
C PRO A 68 -6.78 -10.25 16.40
N ILE A 69 -7.81 -11.03 16.06
CA ILE A 69 -8.48 -10.95 14.77
C ILE A 69 -9.91 -10.51 15.00
N ILE A 70 -10.35 -9.50 14.25
CA ILE A 70 -11.76 -9.13 14.18
C ILE A 70 -12.35 -9.80 12.94
N GLY A 71 -13.19 -10.80 13.15
CA GLY A 71 -13.74 -11.56 12.04
C GLY A 71 -15.04 -10.98 11.52
N ILE A 72 -15.22 -11.06 10.20
CA ILE A 72 -16.46 -10.72 9.52
C ILE A 72 -16.63 -11.69 8.36
N VAL A 73 -17.87 -11.77 7.88
CA VAL A 73 -18.17 -12.39 6.60
C VAL A 73 -19.00 -11.41 5.79
N LYS A 74 -18.65 -11.25 4.50
CA LYS A 74 -19.36 -10.33 3.62
C LYS A 74 -20.21 -11.13 2.66
N ARG A 75 -21.49 -10.78 2.58
CA ARG A 75 -22.45 -11.48 1.74
C ARG A 75 -23.30 -10.46 1.02
N ASP A 76 -23.49 -10.67 -0.28
CA ASP A 76 -24.34 -9.82 -1.11
C ASP A 76 -25.71 -10.48 -1.14
N LEU A 77 -26.63 -9.96 -0.33
CA LEU A 77 -27.90 -10.66 -0.26
C LEU A 77 -28.84 -10.18 -1.37
N PRO A 78 -29.71 -11.05 -1.87
CA PRO A 78 -30.60 -10.65 -2.96
C PRO A 78 -31.79 -9.82 -2.52
N ASP A 79 -32.05 -9.72 -1.21
CA ASP A 79 -33.24 -9.06 -0.71
C ASP A 79 -32.94 -8.17 0.49
N SER A 80 -31.75 -7.56 0.53
CA SER A 80 -31.33 -6.78 1.69
C SER A 80 -30.05 -6.02 1.39
N PRO A 81 -29.86 -4.83 1.99
CA PRO A 81 -28.60 -4.10 1.83
C PRO A 81 -27.52 -4.49 2.82
N VAL A 82 -27.85 -5.25 3.87
CA VAL A 82 -26.86 -5.63 4.87
C VAL A 82 -25.86 -6.60 4.25
N ARG A 83 -24.57 -6.32 4.46
CA ARG A 83 -23.49 -7.14 3.91
C ARG A 83 -22.58 -7.75 4.97
N ILE A 84 -22.30 -7.05 6.07
CA ILE A 84 -21.26 -7.44 7.01
C ILE A 84 -21.87 -8.41 8.02
N THR A 85 -21.58 -9.71 7.85
CA THR A 85 -21.95 -10.78 8.77
C THR A 85 -23.44 -10.75 9.09
N PRO A 86 -24.30 -11.18 8.16
CA PRO A 86 -25.74 -11.07 8.36
C PRO A 86 -26.42 -12.31 8.94
N PHE A 87 -25.68 -13.38 9.21
CA PHE A 87 -26.25 -14.63 9.67
C PHE A 87 -25.53 -15.10 10.92
N VAL A 88 -26.27 -15.71 11.86
CA VAL A 88 -25.66 -16.28 13.04
C VAL A 88 -24.76 -17.45 12.66
N SER A 89 -25.09 -18.14 11.57
CA SER A 89 -24.24 -19.23 11.10
C SER A 89 -22.90 -18.71 10.62
N ASP A 90 -22.83 -17.46 10.17
CA ASP A 90 -21.54 -16.82 9.94
C ASP A 90 -20.83 -16.56 11.25
N VAL A 91 -21.57 -16.05 12.25
CA VAL A 91 -20.99 -15.79 13.57
C VAL A 91 -20.37 -17.06 14.14
N ASP A 92 -21.10 -18.18 14.04
CA ASP A 92 -20.59 -19.43 14.60
C ASP A 92 -19.31 -19.87 13.90
N GLY A 93 -19.24 -19.67 12.59
CA GLY A 93 -18.02 -20.01 11.87
C GLY A 93 -16.85 -19.13 12.26
N LEU A 94 -17.11 -17.83 12.46
CA LEU A 94 -16.03 -16.92 12.83
C LEU A 94 -15.46 -17.27 14.21
N ALA A 95 -16.33 -17.64 15.15
CA ALA A 95 -15.85 -18.11 16.45
C ALA A 95 -15.02 -19.38 16.29
N ASN A 96 -15.54 -20.36 15.55
CA ASN A 96 -14.80 -21.59 15.32
C ASN A 96 -13.48 -21.33 14.59
N ALA A 97 -13.44 -20.33 13.72
CA ALA A 97 -12.23 -20.06 12.95
C ALA A 97 -11.14 -19.38 13.77
N GLY A 98 -11.46 -18.89 14.96
CA GLY A 98 -10.47 -18.32 15.84
C GLY A 98 -10.48 -16.80 15.95
N ALA A 99 -11.60 -16.15 15.68
CA ALA A 99 -11.67 -14.70 15.78
C ALA A 99 -11.85 -14.29 17.23
N THR A 100 -11.23 -13.16 17.59
CA THR A 100 -11.35 -12.60 18.94
C THR A 100 -12.58 -11.69 19.03
N VAL A 101 -12.74 -10.81 18.05
CA VAL A 101 -13.90 -9.95 17.93
C VAL A 101 -14.66 -10.34 16.66
N ILE A 102 -15.99 -10.31 16.73
CA ILE A 102 -16.82 -10.53 15.56
C ILE A 102 -17.64 -9.28 15.34
N ALA A 103 -17.44 -8.63 14.19
CA ALA A 103 -18.14 -7.42 13.84
C ALA A 103 -19.36 -7.73 12.98
N PHE A 104 -20.42 -6.96 13.18
CA PHE A 104 -21.64 -7.12 12.41
C PHE A 104 -22.19 -5.76 12.02
N ASP A 105 -22.94 -5.73 10.91
CA ASP A 105 -23.72 -4.57 10.54
C ASP A 105 -24.81 -4.34 11.59
N ALA A 106 -24.79 -3.15 12.20
CA ALA A 106 -25.72 -2.82 13.26
C ALA A 106 -26.77 -1.79 12.82
N THR A 107 -27.01 -1.66 11.53
CA THR A 107 -27.98 -0.68 11.05
C THR A 107 -29.40 -1.25 11.11
N ASN A 108 -30.36 -0.34 11.23
CA ASN A 108 -31.77 -0.72 11.37
C ASN A 108 -32.44 -0.76 9.99
N ARG A 109 -32.00 -1.75 9.20
CA ARG A 109 -32.50 -1.95 7.85
C ARG A 109 -33.06 -3.36 7.72
N THR A 110 -33.73 -3.61 6.59
CA THR A 110 -34.22 -4.95 6.31
C THR A 110 -33.07 -5.94 6.29
N ARG A 111 -33.30 -7.12 6.89
CA ARG A 111 -32.24 -8.07 7.12
C ARG A 111 -32.85 -9.45 7.34
N PRO A 112 -32.12 -10.52 7.05
CA PRO A 112 -32.69 -11.86 7.20
C PRO A 112 -32.90 -12.28 8.65
N GLU A 113 -32.01 -11.84 9.56
CA GLU A 113 -32.13 -12.12 10.98
C GLU A 113 -31.96 -10.82 11.75
N SER A 114 -32.76 -10.65 12.80
CA SER A 114 -32.73 -9.41 13.58
C SER A 114 -31.33 -9.13 14.09
N ARG A 115 -31.00 -7.83 14.19
CA ARG A 115 -29.69 -7.44 14.68
C ARG A 115 -29.51 -7.75 16.17
N GLU A 116 -30.60 -7.82 16.93
CA GLU A 116 -30.47 -8.20 18.34
C GLU A 116 -29.97 -9.62 18.49
N ARG A 117 -30.36 -10.51 17.57
CA ARG A 117 -29.97 -11.91 17.66
C ARG A 117 -28.53 -12.12 17.22
N ILE A 118 -28.10 -11.40 16.17
CA ILE A 118 -26.68 -11.45 15.77
C ILE A 118 -25.80 -10.99 16.92
N ALA A 119 -26.08 -9.78 17.43
CA ALA A 119 -25.31 -9.25 18.55
C ALA A 119 -25.29 -10.22 19.73
N GLN A 120 -26.44 -10.82 20.04
CA GLN A 120 -26.48 -11.75 21.17
C GLN A 120 -25.85 -13.09 20.83
N ALA A 121 -25.84 -13.47 19.54
CA ALA A 121 -25.16 -14.70 19.16
C ALA A 121 -23.65 -14.58 19.27
N ILE A 122 -23.11 -13.39 19.01
CA ILE A 122 -21.68 -13.16 19.19
C ILE A 122 -21.29 -13.29 20.65
N LYS A 123 -21.99 -12.55 21.53
CA LYS A 123 -21.74 -12.63 22.96
C LYS A 123 -21.74 -14.06 23.46
N ASN A 124 -22.64 -14.90 22.93
CA ASN A 124 -22.69 -16.31 23.32
C ASN A 124 -21.40 -17.04 23.02
N THR A 125 -20.69 -16.64 21.95
CA THR A 125 -19.45 -17.33 21.57
C THR A 125 -18.41 -17.24 22.67
N GLY A 126 -18.35 -16.10 23.35
CA GLY A 126 -17.21 -15.72 24.16
C GLY A 126 -16.40 -14.61 23.53
N CYS A 127 -16.51 -14.44 22.21
CA CYS A 127 -15.84 -13.38 21.50
C CYS A 127 -16.44 -12.03 21.87
N PHE A 128 -15.64 -10.98 21.74
CA PHE A 128 -16.18 -9.64 21.84
C PHE A 128 -17.03 -9.33 20.62
N ALA A 129 -18.00 -8.43 20.80
CA ALA A 129 -18.86 -7.99 19.71
C ALA A 129 -18.54 -6.54 19.37
N MET A 130 -18.38 -6.26 18.09
CA MET A 130 -18.25 -4.89 17.60
C MET A 130 -19.38 -4.58 16.63
N ALA A 131 -20.06 -3.46 16.87
CA ALA A 131 -21.15 -3.03 16.01
C ALA A 131 -20.64 -2.11 14.93
N ASP A 132 -20.92 -2.46 13.67
CA ASP A 132 -20.65 -1.58 12.54
C ASP A 132 -21.84 -0.64 12.39
N CYS A 133 -21.64 0.63 12.68
CA CYS A 133 -22.72 1.58 12.80
C CYS A 133 -22.69 2.58 11.66
N SER A 134 -23.87 3.09 11.31
CA SER A 134 -24.00 4.15 10.33
C SER A 134 -24.33 5.50 10.94
N THR A 135 -24.92 5.52 12.14
CA THR A 135 -25.33 6.75 12.80
C THR A 135 -25.11 6.59 14.30
N PHE A 136 -25.22 7.72 15.01
CA PHE A 136 -25.02 7.71 16.46
C PHE A 136 -26.02 6.81 17.18
N GLU A 137 -27.23 6.68 16.62
CA GLU A 137 -28.29 5.91 17.26
C GLU A 137 -28.16 4.43 16.98
N ASP A 138 -27.41 4.04 15.95
CA ASP A 138 -26.98 2.65 15.83
C ASP A 138 -26.10 2.26 17.01
N GLY A 139 -25.26 3.19 17.48
CA GLY A 139 -24.43 2.92 18.64
C GLY A 139 -25.20 2.91 19.94
N LEU A 140 -26.23 3.75 20.04
CA LEU A 140 -27.10 3.72 21.22
C LEU A 140 -27.79 2.36 21.34
N TRP A 141 -28.31 1.84 20.23
CA TRP A 141 -28.85 0.48 20.22
C TRP A 141 -27.79 -0.53 20.65
N ALA A 142 -26.60 -0.45 20.07
CA ALA A 142 -25.55 -1.43 20.35
C ALA A 142 -25.16 -1.45 21.82
N ASN A 143 -25.09 -0.27 22.46
CA ASN A 143 -24.73 -0.23 23.87
C ASN A 143 -25.78 -0.93 24.73
N SER A 144 -27.06 -0.66 24.48
CA SER A 144 -28.14 -1.26 25.26
C SER A 144 -28.12 -2.78 25.18
N GLN A 145 -27.52 -3.36 24.14
CA GLN A 145 -27.51 -4.79 23.92
C GLN A 145 -26.29 -5.47 24.51
N GLY A 146 -25.42 -4.73 25.18
CA GLY A 146 -24.21 -5.29 25.75
C GLY A 146 -23.05 -5.43 24.80
N VAL A 147 -23.07 -4.72 23.68
CA VAL A 147 -21.99 -4.79 22.70
C VAL A 147 -20.79 -4.01 23.22
N GLU A 148 -19.61 -4.63 23.18
CA GLU A 148 -18.42 -4.01 23.76
C GLU A 148 -17.86 -2.89 22.91
N ILE A 149 -17.99 -2.96 21.59
CA ILE A 149 -17.30 -2.05 20.68
C ILE A 149 -18.30 -1.50 19.67
N VAL A 150 -18.21 -0.19 19.41
CA VAL A 150 -18.99 0.46 18.36
C VAL A 150 -18.02 1.12 17.40
N GLY A 151 -18.34 1.07 16.11
CA GLY A 151 -17.50 1.65 15.08
C GLY A 151 -18.28 2.48 14.09
N SER A 152 -17.61 3.49 13.55
CA SER A 152 -18.13 4.35 12.49
C SER A 152 -18.01 3.71 11.11
N THR A 153 -17.91 2.38 11.06
CA THR A 153 -17.62 1.68 9.81
C THR A 153 -18.57 2.06 8.68
N LEU A 154 -19.86 2.14 8.96
CA LEU A 154 -20.87 2.25 7.91
C LEU A 154 -21.38 3.67 7.70
N SER A 155 -20.79 4.66 8.36
CA SER A 155 -21.23 6.04 8.17
C SER A 155 -20.90 6.51 6.75
N GLY A 156 -21.92 6.94 6.02
CA GLY A 156 -21.75 7.38 4.65
C GLY A 156 -21.95 6.30 3.60
N TYR A 157 -22.25 5.07 4.01
CA TYR A 157 -22.41 3.95 3.09
C TYR A 157 -23.84 3.42 3.11
N VAL A 158 -24.80 4.28 3.44
CA VAL A 158 -26.20 3.88 3.51
C VAL A 158 -27.06 4.72 2.58
N PRO A 163 -19.60 10.02 0.45
CA PRO A 163 -18.72 11.09 0.94
C PRO A 163 -17.25 10.78 0.74
N THR A 164 -16.37 11.68 1.18
CA THR A 164 -14.93 11.55 0.97
C THR A 164 -14.10 11.68 2.23
N VAL A 165 -14.48 12.57 3.14
CA VAL A 165 -13.74 12.77 4.39
C VAL A 165 -14.25 11.77 5.43
N PRO A 166 -13.44 11.43 6.43
CA PRO A 166 -13.95 10.61 7.53
C PRO A 166 -15.10 11.31 8.25
N ASP A 167 -15.82 10.55 9.05
CA ASP A 167 -16.94 11.08 9.84
C ASP A 167 -16.43 11.22 11.27
N PHE A 168 -15.83 12.38 11.55
CA PHE A 168 -15.18 12.61 12.83
C PHE A 168 -16.17 12.85 13.97
N GLN A 169 -17.28 13.53 13.70
CA GLN A 169 -18.22 13.84 14.78
C GLN A 169 -18.87 12.59 15.34
N LEU A 170 -19.07 11.56 14.50
CA LEU A 170 -19.56 10.29 15.03
C LEU A 170 -18.55 9.68 15.99
N VAL A 171 -17.27 9.80 15.66
CA VAL A 171 -16.22 9.33 16.57
C VAL A 171 -16.22 10.15 17.85
N LYS A 172 -16.42 11.47 17.73
CA LYS A 172 -16.49 12.34 18.91
C LYS A 172 -17.68 11.99 19.78
N ALA A 173 -18.85 11.78 19.15
CA ALA A 173 -20.05 11.46 19.91
C ALA A 173 -19.93 10.12 20.63
N PHE A 174 -19.49 9.08 19.90
CA PHE A 174 -19.30 7.78 20.51
C PHE A 174 -18.28 7.82 21.64
N SER A 175 -17.20 8.60 21.47
CA SER A 175 -16.16 8.64 22.49
C SER A 175 -16.65 9.33 23.76
N GLU A 176 -17.34 10.46 23.63
CA GLU A 176 -17.86 11.14 24.80
C GLU A 176 -19.19 10.57 25.29
N ALA A 177 -19.71 9.53 24.63
CA ALA A 177 -20.78 8.74 25.20
C ALA A 177 -20.25 7.68 26.15
N GLY A 178 -18.93 7.53 26.25
CA GLY A 178 -18.32 6.50 27.05
C GLY A 178 -18.08 5.19 26.33
N PHE A 179 -18.35 5.14 25.02
CA PHE A 179 -18.16 3.92 24.27
C PHE A 179 -16.69 3.62 24.05
N PHE A 180 -16.40 2.33 23.87
CA PHE A 180 -15.08 1.86 23.43
C PHE A 180 -15.10 1.95 21.92
N THR A 181 -14.60 3.06 21.38
CA THR A 181 -14.89 3.51 20.03
C THR A 181 -13.79 3.09 19.07
N MET A 182 -14.17 2.47 17.97
CA MET A 182 -13.28 2.13 16.87
C MET A 182 -13.55 3.06 15.69
N ALA A 183 -12.56 3.86 15.31
CA ALA A 183 -12.68 4.71 14.14
C ALA A 183 -12.40 3.89 12.88
N GLU A 184 -13.35 3.87 11.96
CA GLU A 184 -13.19 3.11 10.73
C GLU A 184 -13.93 3.81 9.60
N GLY A 185 -13.27 3.90 8.45
CA GLY A 185 -13.87 4.54 7.30
C GLY A 185 -13.13 5.76 6.79
N ARG A 186 -12.42 5.61 5.68
CA ARG A 186 -11.82 6.69 4.90
C ARG A 186 -10.60 7.31 5.57
N TYR A 187 -10.01 6.66 6.57
CA TYR A 187 -8.78 7.16 7.19
C TYR A 187 -7.61 6.73 6.31
N ASN A 188 -7.32 7.57 5.30
CA ASN A 188 -6.47 7.17 4.19
C ASN A 188 -5.03 7.64 4.34
N THR A 189 -4.72 8.43 5.35
CA THR A 189 -3.37 8.88 5.64
C THR A 189 -3.11 8.74 7.13
N PRO A 190 -1.85 8.64 7.54
CA PRO A 190 -1.56 8.58 8.98
C PRO A 190 -2.04 9.80 9.73
N GLU A 191 -2.20 10.94 9.04
CA GLU A 191 -2.62 12.16 9.69
C GLU A 191 -4.11 12.20 9.96
N LEU A 192 -4.92 11.57 9.10
CA LEU A 192 -6.35 11.46 9.37
C LEU A 192 -6.61 10.44 10.47
N ALA A 193 -5.77 9.40 10.56
CA ALA A 193 -5.87 8.44 11.65
C ALA A 193 -5.41 9.00 12.98
N ALA A 194 -4.56 10.04 12.97
CA ALA A 194 -4.19 10.69 14.21
C ALA A 194 -5.31 11.58 14.73
N LYS A 195 -5.99 12.29 13.83
CA LYS A 195 -7.17 13.07 14.21
C LYS A 195 -8.29 12.17 14.73
N ALA A 196 -8.32 10.91 14.33
CA ALA A 196 -9.32 9.98 14.86
C ALA A 196 -9.08 9.68 16.34
N ILE A 197 -7.83 9.34 16.69
CA ILE A 197 -7.51 9.07 18.09
C ILE A 197 -7.77 10.30 18.95
N GLU A 198 -7.37 11.48 18.48
CA GLU A 198 -7.62 12.71 19.23
C GLU A 198 -9.10 13.03 19.32
N SER A 199 -9.91 12.56 18.37
CA SER A 199 -11.35 12.69 18.51
C SER A 199 -11.92 11.75 19.57
N GLY A 200 -11.07 10.91 20.16
CA GLY A 200 -11.47 10.03 21.25
C GLY A 200 -11.57 8.56 20.88
N ALA A 201 -11.28 8.18 19.65
CA ALA A 201 -11.27 6.78 19.28
C ALA A 201 -10.13 6.07 20.00
N VAL A 202 -10.41 4.86 20.49
CA VAL A 202 -9.35 4.07 21.12
C VAL A 202 -8.36 3.58 20.07
N ALA A 203 -8.86 3.02 18.98
CA ALA A 203 -8.02 2.60 17.87
C ALA A 203 -8.66 3.06 16.57
N VAL A 204 -8.01 2.72 15.46
CA VAL A 204 -8.48 3.11 14.13
C VAL A 204 -8.20 1.97 13.17
N THR A 205 -9.17 1.66 12.32
CA THR A 205 -9.05 0.61 11.32
C THR A 205 -8.78 1.24 9.96
N VAL A 206 -7.79 0.71 9.25
CA VAL A 206 -7.40 1.19 7.93
C VAL A 206 -7.30 -0.01 6.99
N GLY A 207 -7.99 0.06 5.85
CA GLY A 207 -8.02 -1.04 4.92
C GLY A 207 -7.51 -0.71 3.53
N SER A 208 -8.25 0.13 2.81
CA SER A 208 -7.95 0.39 1.40
C SER A 208 -6.55 0.99 1.24
N ALA A 209 -6.22 1.98 2.06
CA ALA A 209 -4.92 2.65 1.96
C ALA A 209 -3.76 1.70 2.19
N LEU A 210 -4.01 0.53 2.80
CA LEU A 210 -2.94 -0.41 3.14
C LEU A 210 -2.95 -1.68 2.30
N THR A 211 -4.13 -2.27 2.04
CA THR A 211 -4.20 -3.62 1.49
C THR A 211 -5.06 -3.73 0.23
N ARG A 212 -5.30 -2.61 -0.47
CA ARG A 212 -6.00 -2.63 -1.75
C ARG A 212 -5.12 -1.93 -2.78
N LEU A 213 -4.24 -2.71 -3.43
CA LEU A 213 -3.27 -2.13 -4.35
C LEU A 213 -3.93 -1.46 -5.55
N GLU A 214 -4.96 -2.09 -6.12
CA GLU A 214 -5.68 -1.48 -7.23
C GLU A 214 -6.26 -0.11 -6.85
N VAL A 215 -6.88 -0.03 -5.68
CA VAL A 215 -7.50 1.22 -5.25
C VAL A 215 -6.46 2.33 -5.12
N VAL A 216 -5.34 2.02 -4.45
CA VAL A 216 -4.33 3.05 -4.21
C VAL A 216 -3.63 3.43 -5.51
N THR A 217 -3.39 2.46 -6.39
CA THR A 217 -2.82 2.76 -7.70
C THR A 217 -3.67 3.80 -8.43
N GLN A 218 -4.99 3.61 -8.45
CA GLN A 218 -5.87 4.56 -9.11
C GLN A 218 -5.85 5.92 -8.41
N TRP A 219 -5.59 5.93 -7.11
CA TRP A 219 -5.45 7.20 -6.38
C TRP A 219 -4.29 8.03 -6.92
N PHE A 220 -3.19 7.39 -7.28
CA PHE A 220 -2.03 8.13 -7.79
C PHE A 220 -2.22 8.54 -9.25
N ASN A 221 -2.61 7.59 -10.10
CA ASN A 221 -2.84 7.92 -11.51
C ASN A 221 -3.88 9.02 -11.68
N ASN A 222 -4.91 9.03 -10.82
CA ASN A 222 -5.90 10.10 -10.86
C ASN A 222 -5.25 11.47 -10.66
N ALA A 223 -4.27 11.55 -9.76
CA ALA A 223 -3.66 12.84 -9.48
C ALA A 223 -2.57 13.19 -10.49
N THR A 224 -1.78 12.20 -10.92
CA THR A 224 -0.72 12.48 -11.87
C THR A 224 -1.25 12.71 -13.28
N GLN A 225 -2.31 12.00 -13.67
CA GLN A 225 -2.89 12.22 -14.99
C GLN A 225 -3.64 13.54 -15.05
N ALA A 226 -4.38 13.88 -13.98
CA ALA A 226 -5.10 15.15 -13.95
C ALA A 226 -4.14 16.33 -14.05
N ALA A 227 -3.00 16.25 -13.36
CA ALA A 227 -2.00 17.30 -13.47
C ALA A 227 -1.35 17.35 -14.84
N GLY A 228 -1.27 16.22 -15.53
CA GLY A 228 -0.58 16.15 -16.81
C GLY A 228 -1.22 16.90 -17.97
N GLU A 229 -1.68 18.13 -17.73
CA GLU A 229 -2.16 18.95 -18.84
C GLU A 229 -1.12 20.04 -19.13
N LYS B 1 14.41 0.07 -28.63
CA LYS B 1 14.03 -0.14 -30.02
C LYS B 1 13.62 -1.58 -30.31
N ASN B 2 13.12 -2.26 -29.27
CA ASN B 2 12.40 -3.51 -29.53
C ASN B 2 11.31 -3.28 -30.57
N PHE B 3 10.62 -2.15 -30.47
CA PHE B 3 9.69 -1.71 -31.49
C PHE B 3 9.36 -0.23 -31.33
N LEU B 4 10.06 0.46 -30.45
CA LEU B 4 9.70 1.80 -30.01
C LEU B 4 10.82 2.79 -30.28
N ASN B 5 10.47 4.07 -30.28
CA ASN B 5 11.42 5.18 -30.26
C ASN B 5 11.21 5.99 -28.98
N ILE B 6 12.16 6.87 -28.69
CA ILE B 6 12.14 7.59 -27.41
C ILE B 6 10.89 8.47 -27.27
N GLU B 7 10.49 9.21 -28.33
CA GLU B 7 9.37 10.14 -28.13
C GLU B 7 8.05 9.38 -28.12
N GLU B 8 8.02 8.16 -28.64
CA GLU B 8 6.82 7.32 -28.54
C GLU B 8 6.60 6.86 -27.09
N LEU B 9 7.69 6.49 -26.39
CA LEU B 9 7.59 6.13 -24.97
C LEU B 9 7.22 7.31 -24.08
N LYS B 10 7.60 8.53 -24.47
CA LYS B 10 7.37 9.67 -23.58
C LYS B 10 5.93 10.15 -23.64
N ARG B 11 5.23 9.93 -24.74
CA ARG B 11 3.79 10.21 -24.76
C ARG B 11 3.00 9.07 -24.11
N PHE B 12 3.50 7.84 -24.21
CA PHE B 12 2.86 6.73 -23.50
C PHE B 12 2.93 6.95 -21.99
N LEU B 13 4.03 7.51 -21.50
CA LEU B 13 4.28 7.67 -20.08
C LEU B 13 3.86 9.03 -19.54
N ASN B 14 3.36 9.94 -20.38
CA ASN B 14 3.09 11.30 -19.93
C ASN B 14 2.00 11.31 -18.87
N GLY B 15 2.30 11.93 -17.73
CA GLY B 15 1.35 12.03 -16.63
C GLY B 15 1.06 10.74 -15.91
N GLN B 16 1.83 9.68 -16.16
CA GLN B 16 1.56 8.37 -15.58
C GLN B 16 2.29 8.19 -14.24
N THR B 17 1.75 7.29 -13.44
CA THR B 17 2.40 6.81 -12.22
C THR B 17 3.04 5.46 -12.51
N VAL B 18 4.32 5.33 -12.17
CA VAL B 18 5.08 4.12 -12.44
C VAL B 18 5.23 3.36 -11.12
N VAL B 19 4.73 2.13 -11.09
CA VAL B 19 4.64 1.36 -9.86
C VAL B 19 5.94 0.58 -9.67
N SER B 20 6.68 0.92 -8.62
CA SER B 20 7.89 0.19 -8.25
C SER B 20 7.49 -0.98 -7.35
N ILE B 21 7.59 -2.20 -7.86
CA ILE B 21 7.18 -3.40 -7.14
C ILE B 21 8.44 -4.01 -6.55
N GLN B 22 8.79 -3.57 -5.35
CA GLN B 22 9.99 -4.05 -4.65
C GLN B 22 9.65 -4.28 -3.20
N PRO B 23 9.18 -5.48 -2.84
CA PRO B 23 8.89 -5.76 -1.43
C PRO B 23 10.13 -5.61 -0.57
N VAL B 24 9.90 -5.51 0.74
CA VAL B 24 11.02 -5.43 1.67
C VAL B 24 11.78 -6.74 1.63
N THR B 25 13.11 -6.66 1.68
CA THR B 25 13.92 -7.86 1.57
C THR B 25 13.74 -8.74 2.79
N GLY B 26 13.52 -10.04 2.56
CA GLY B 26 13.23 -10.97 3.62
C GLY B 26 11.78 -11.01 4.05
N SER B 27 10.93 -10.13 3.55
CA SER B 27 9.54 -10.07 3.96
C SER B 27 8.78 -11.30 3.45
N PRO B 28 7.71 -11.71 4.15
CA PRO B 28 6.83 -12.74 3.59
C PRO B 28 6.24 -12.39 2.24
N LEU B 29 6.21 -11.11 1.88
CA LEU B 29 5.68 -10.65 0.61
C LEU B 29 6.73 -10.61 -0.49
N ASP B 30 7.98 -10.92 -0.18
CA ASP B 30 9.08 -10.87 -1.14
C ASP B 30 9.22 -12.19 -1.91
N LYS B 31 8.11 -12.67 -2.47
CA LYS B 31 8.10 -13.87 -3.30
C LYS B 31 7.83 -13.49 -4.75
N THR B 32 8.39 -14.29 -5.66
CA THR B 32 8.21 -14.01 -7.08
C THR B 32 6.74 -14.10 -7.47
N ASP B 33 6.05 -15.16 -7.03
CA ASP B 33 4.63 -15.30 -7.36
C ASP B 33 3.81 -14.15 -6.78
N PHE B 34 4.19 -13.64 -5.61
CA PHE B 34 3.49 -12.49 -5.05
C PHE B 34 3.83 -11.21 -5.81
N ILE B 35 5.06 -11.08 -6.27
CA ILE B 35 5.44 -9.92 -7.07
C ILE B 35 4.70 -9.92 -8.40
N VAL B 36 4.67 -11.08 -9.07
CA VAL B 36 3.94 -11.19 -10.34
C VAL B 36 2.46 -10.88 -10.15
N ALA B 37 1.87 -11.43 -9.08
CA ALA B 37 0.46 -11.14 -8.78
C ALA B 37 0.23 -9.65 -8.63
N MET B 38 1.11 -8.97 -7.88
CA MET B 38 1.01 -7.51 -7.75
C MET B 38 1.17 -6.83 -9.10
N ALA B 39 2.07 -7.35 -9.95
CA ALA B 39 2.28 -6.78 -11.27
C ALA B 39 1.02 -6.93 -12.13
N ILE B 40 0.43 -8.12 -12.14
CA ILE B 40 -0.83 -8.33 -12.86
C ILE B 40 -1.89 -7.38 -12.34
N ALA B 41 -1.89 -7.10 -11.04
CA ALA B 41 -2.95 -6.32 -10.43
C ALA B 41 -2.88 -4.86 -10.87
N VAL B 42 -1.70 -4.25 -10.83
CA VAL B 42 -1.58 -2.85 -11.20
C VAL B 42 -1.85 -2.65 -12.69
N GLU B 43 -1.49 -3.61 -13.52
CA GLU B 43 -1.85 -3.55 -14.94
C GLU B 43 -3.37 -3.54 -15.09
N GLN B 44 -4.05 -4.43 -14.37
CA GLN B 44 -5.51 -4.46 -14.40
C GLN B 44 -6.11 -3.16 -13.89
N ALA B 45 -5.45 -2.50 -12.93
CA ALA B 45 -5.92 -1.24 -12.38
C ALA B 45 -5.51 -0.03 -13.20
N GLY B 46 -4.79 -0.20 -14.30
CA GLY B 46 -4.47 0.89 -15.20
C GLY B 46 -3.07 1.43 -15.15
N ALA B 47 -2.17 0.83 -14.37
CA ALA B 47 -0.77 1.26 -14.37
C ALA B 47 -0.12 0.95 -15.71
N LYS B 48 0.64 1.90 -16.24
CA LYS B 48 1.21 1.78 -17.56
C LYS B 48 2.69 1.37 -17.58
N ALA B 49 3.34 1.28 -16.42
CA ALA B 49 4.76 0.93 -16.41
C ALA B 49 5.17 0.52 -15.01
N LEU B 50 6.20 -0.32 -14.93
CA LEU B 50 6.68 -0.85 -13.67
C LEU B 50 8.21 -0.72 -13.57
N ARG B 51 8.69 -0.65 -12.34
CA ARG B 51 10.09 -0.89 -12.01
C ARG B 51 10.16 -2.20 -11.25
N ILE B 52 10.92 -3.16 -11.78
CA ILE B 52 11.04 -4.48 -11.19
C ILE B 52 12.50 -4.74 -10.89
N GLU B 53 12.77 -5.37 -9.75
CA GLU B 53 14.13 -5.64 -9.29
C GLU B 53 14.39 -7.13 -9.35
N GLY B 54 15.54 -7.51 -9.92
CA GLY B 54 15.92 -8.90 -10.02
C GLY B 54 15.73 -9.43 -11.43
N VAL B 55 16.79 -10.05 -11.98
CA VAL B 55 16.74 -10.55 -13.35
C VAL B 55 15.56 -11.50 -13.52
N SER B 56 15.39 -12.43 -12.57
CA SER B 56 14.37 -13.45 -12.72
C SER B 56 12.98 -12.94 -12.36
N ASN B 57 12.88 -11.85 -11.59
CA ASN B 57 11.59 -11.18 -11.43
C ASN B 57 11.19 -10.47 -12.72
N VAL B 58 12.14 -9.78 -13.37
CA VAL B 58 11.88 -9.18 -14.66
C VAL B 58 11.37 -10.22 -15.65
N ALA B 59 12.03 -11.38 -15.69
CA ALA B 59 11.60 -12.45 -16.59
C ALA B 59 10.20 -12.92 -16.25
N ALA B 60 9.93 -13.18 -14.97
CA ALA B 60 8.61 -13.66 -14.56
C ALA B 60 7.54 -12.62 -14.82
N VAL B 61 7.82 -11.35 -14.52
CA VAL B 61 6.79 -10.32 -14.67
C VAL B 61 6.55 -10.02 -16.15
N SER B 62 7.60 -10.01 -16.97
CA SER B 62 7.42 -9.72 -18.39
C SER B 62 6.67 -10.82 -19.12
N ALA B 63 6.67 -12.04 -18.58
CA ALA B 63 5.90 -13.13 -19.17
C ALA B 63 4.44 -13.12 -18.74
N ALA B 64 4.05 -12.23 -17.83
CA ALA B 64 2.69 -12.20 -17.30
C ALA B 64 1.96 -10.88 -17.51
N VAL B 65 2.67 -9.78 -17.75
CA VAL B 65 2.02 -8.51 -18.04
C VAL B 65 2.45 -8.03 -19.42
N THR B 66 1.90 -6.90 -19.87
CA THR B 66 2.22 -6.35 -21.17
C THR B 66 2.84 -4.96 -21.13
N ILE B 67 2.72 -4.25 -20.01
CA ILE B 67 3.25 -2.89 -19.90
C ILE B 67 4.77 -2.94 -19.78
N PRO B 68 5.49 -1.90 -20.24
CA PRO B 68 6.95 -1.96 -20.22
C PRO B 68 7.50 -2.04 -18.80
N ILE B 69 8.66 -2.69 -18.67
CA ILE B 69 9.33 -2.89 -17.39
C ILE B 69 10.64 -2.13 -17.40
N ILE B 70 10.88 -1.34 -16.36
CA ILE B 70 12.19 -0.77 -16.10
C ILE B 70 12.90 -1.72 -15.15
N GLY B 71 13.88 -2.45 -15.67
CA GLY B 71 14.55 -3.47 -14.89
C GLY B 71 15.79 -2.95 -14.16
N ILE B 72 16.02 -3.52 -12.99
CA ILE B 72 17.24 -3.25 -12.22
C ILE B 72 17.66 -4.53 -11.52
N VAL B 73 18.93 -4.56 -11.13
CA VAL B 73 19.42 -5.48 -10.11
C VAL B 73 20.12 -4.63 -9.07
N LYS B 74 19.73 -4.79 -7.82
CA LYS B 74 20.29 -3.99 -6.74
C LYS B 74 21.15 -4.88 -5.85
N ARG B 75 22.38 -4.45 -5.61
CA ARG B 75 23.35 -5.25 -4.89
C ARG B 75 24.05 -4.35 -3.88
N ASP B 76 24.12 -4.79 -2.64
CA ASP B 76 24.83 -4.07 -1.59
C ASP B 76 26.22 -4.67 -1.48
N LEU B 77 27.18 -4.00 -2.04
CA LEU B 77 28.56 -4.42 -2.19
C LEU B 77 29.38 -4.02 -0.97
N PRO B 78 30.40 -4.82 -0.63
CA PRO B 78 31.22 -4.53 0.54
C PRO B 78 32.26 -3.44 0.32
N ASP B 79 32.47 -3.00 -0.92
CA ASP B 79 33.55 -2.07 -1.23
C ASP B 79 33.09 -0.95 -2.15
N SER B 80 31.83 -0.52 -2.03
CA SER B 80 31.27 0.51 -2.91
C SER B 80 29.89 0.92 -2.41
N PRO B 81 29.51 2.19 -2.59
CA PRO B 81 28.14 2.61 -2.25
C PRO B 81 27.14 2.40 -3.38
N VAL B 82 27.60 2.10 -4.59
CA VAL B 82 26.70 1.91 -5.72
C VAL B 82 25.87 0.65 -5.50
N ARG B 83 24.56 0.77 -5.69
CA ARG B 83 23.63 -0.33 -5.50
C ARG B 83 22.86 -0.71 -6.75
N ILE B 84 22.47 0.24 -7.58
CA ILE B 84 21.53 0.01 -8.66
C ILE B 84 22.30 -0.41 -9.91
N THR B 85 22.23 -1.72 -10.22
CA THR B 85 22.75 -2.33 -11.44
C THR B 85 24.21 -1.94 -11.66
N PRO B 86 25.13 -2.53 -10.89
CA PRO B 86 26.54 -2.12 -10.97
C PRO B 86 27.41 -2.97 -11.89
N PHE B 87 26.85 -3.97 -12.58
CA PHE B 87 27.64 -4.92 -13.35
C PHE B 87 27.13 -5.03 -14.78
N VAL B 88 28.06 -5.24 -15.72
CA VAL B 88 27.68 -5.44 -17.13
C VAL B 88 26.90 -6.74 -17.29
N SER B 89 27.24 -7.75 -16.49
CA SER B 89 26.50 -9.00 -16.55
C SER B 89 25.07 -8.84 -16.04
N ASP B 90 24.84 -7.85 -15.17
CA ASP B 90 23.48 -7.53 -14.76
C ASP B 90 22.68 -6.95 -15.92
N VAL B 91 23.28 -6.01 -16.66
CA VAL B 91 22.61 -5.40 -17.80
C VAL B 91 22.18 -6.46 -18.82
N ASP B 92 23.11 -7.36 -19.17
CA ASP B 92 22.80 -8.37 -20.18
C ASP B 92 21.68 -9.30 -19.72
N GLY B 93 21.65 -9.64 -18.43
CA GLY B 93 20.58 -10.47 -17.92
C GLY B 93 19.23 -9.78 -17.95
N LEU B 94 19.21 -8.48 -17.61
CA LEU B 94 17.95 -7.74 -17.61
C LEU B 94 17.37 -7.60 -19.01
N ALA B 95 18.21 -7.35 -20.00
CA ALA B 95 17.75 -7.29 -21.38
C ALA B 95 17.16 -8.62 -21.82
N ASN B 96 17.90 -9.71 -21.59
CA ASN B 96 17.40 -11.03 -21.93
C ASN B 96 16.11 -11.35 -21.18
N ALA B 97 15.95 -10.81 -19.98
CA ALA B 97 14.76 -11.07 -19.17
C ALA B 97 13.53 -10.31 -19.67
N GLY B 98 13.69 -9.35 -20.56
CA GLY B 98 12.59 -8.67 -21.19
C GLY B 98 12.30 -7.25 -20.74
N ALA B 99 13.29 -6.53 -20.21
CA ALA B 99 13.08 -5.14 -19.80
C ALA B 99 13.18 -4.21 -21.00
N THR B 100 12.36 -3.16 -20.99
CA THR B 100 12.40 -2.14 -22.03
C THR B 100 13.41 -1.04 -21.69
N VAL B 101 13.37 -0.55 -20.46
CA VAL B 101 14.34 0.41 -19.95
C VAL B 101 15.14 -0.27 -18.84
N ILE B 102 16.44 0.02 -18.79
CA ILE B 102 17.31 -0.48 -17.74
C ILE B 102 17.90 0.71 -16.99
N ALA B 103 17.63 0.78 -15.69
CA ALA B 103 18.13 1.87 -14.86
C ALA B 103 19.44 1.48 -14.19
N PHE B 104 20.35 2.45 -14.07
CA PHE B 104 21.64 2.25 -13.43
C PHE B 104 21.98 3.44 -12.54
N ASP B 105 22.79 3.17 -11.51
CA ASP B 105 23.41 4.23 -10.71
C ASP B 105 24.38 5.02 -11.59
N ALA B 106 24.14 6.31 -11.73
CA ALA B 106 24.97 7.18 -12.57
C ALA B 106 25.81 8.16 -11.76
N THR B 107 26.05 7.87 -10.48
CA THR B 107 26.82 8.77 -9.65
C THR B 107 28.32 8.53 -9.82
N ASN B 108 29.10 9.58 -9.55
CA ASN B 108 30.56 9.52 -9.69
C ASN B 108 31.18 9.10 -8.35
N ARG B 109 30.90 7.86 -7.98
CA ARG B 109 31.37 7.29 -6.72
C ARG B 109 32.17 6.02 -6.99
N THR B 110 32.78 5.49 -5.92
CA THR B 110 33.49 4.22 -6.03
C THR B 110 32.53 3.14 -6.53
N ARG B 111 33.01 2.34 -7.49
CA ARG B 111 32.11 1.42 -8.17
C ARG B 111 32.93 0.37 -8.88
N PRO B 112 32.39 -0.84 -9.08
CA PRO B 112 33.17 -1.91 -9.71
C PRO B 112 33.40 -1.68 -11.19
N GLU B 113 32.44 -1.08 -11.89
CA GLU B 113 32.58 -0.76 -13.29
C GLU B 113 32.19 0.70 -13.51
N SER B 114 32.95 1.38 -14.38
CA SER B 114 32.71 2.80 -14.62
C SER B 114 31.27 3.00 -15.10
N ARG B 115 30.72 4.17 -14.75
CA ARG B 115 29.36 4.49 -15.17
C ARG B 115 29.26 4.68 -16.69
N GLU B 116 30.36 5.04 -17.35
CA GLU B 116 30.35 5.12 -18.81
C GLU B 116 30.15 3.73 -19.43
N ARG B 117 30.83 2.71 -18.91
CA ARG B 117 30.76 1.37 -19.51
C ARG B 117 29.41 0.72 -19.28
N ILE B 118 28.81 0.97 -18.10
CA ILE B 118 27.46 0.48 -17.83
C ILE B 118 26.50 1.04 -18.87
N ALA B 119 26.49 2.36 -19.03
CA ALA B 119 25.64 3.01 -20.03
C ALA B 119 25.85 2.42 -21.42
N GLN B 120 27.11 2.14 -21.77
CA GLN B 120 27.38 1.60 -23.10
C GLN B 120 26.96 0.14 -23.21
N ALA B 121 26.94 -0.59 -22.11
CA ALA B 121 26.46 -1.97 -22.14
C ALA B 121 24.96 -2.03 -22.34
N ILE B 122 24.22 -1.05 -21.80
CA ILE B 122 22.77 -0.99 -22.01
C ILE B 122 22.47 -0.77 -23.49
N LYS B 123 23.04 0.29 -24.08
CA LYS B 123 22.84 0.57 -25.49
C LYS B 123 23.16 -0.64 -26.37
N ASN B 124 24.20 -1.40 -26.02
CA ASN B 124 24.53 -2.59 -26.81
C ASN B 124 23.36 -3.58 -26.84
N THR B 125 22.60 -3.67 -25.76
CA THR B 125 21.46 -4.60 -25.72
C THR B 125 20.38 -4.17 -26.72
N GLY B 126 20.17 -2.85 -26.87
CA GLY B 126 19.00 -2.32 -27.53
C GLY B 126 18.03 -1.63 -26.61
N CYS B 127 18.07 -1.91 -25.31
CA CYS B 127 17.17 -1.30 -24.36
C CYS B 127 17.45 0.20 -24.20
N PHE B 128 16.41 0.93 -23.80
CA PHE B 128 16.60 2.30 -23.37
C PHE B 128 17.34 2.33 -22.04
N ALA B 129 18.02 3.45 -21.78
CA ALA B 129 18.77 3.65 -20.55
C ALA B 129 18.09 4.71 -19.69
N MET B 130 17.95 4.43 -18.40
CA MET B 130 17.52 5.41 -17.41
C MET B 130 18.62 5.61 -16.39
N ALA B 131 19.01 6.86 -16.19
CA ALA B 131 20.04 7.19 -15.20
C ALA B 131 19.39 7.54 -13.87
N ASP B 132 19.77 6.82 -12.82
CA ASP B 132 19.36 7.16 -11.46
C ASP B 132 20.40 8.13 -10.90
N CYS B 133 20.01 9.38 -10.71
CA CYS B 133 20.94 10.46 -10.41
C CYS B 133 20.75 10.97 -8.99
N SER B 134 21.85 11.50 -8.43
CA SER B 134 21.84 12.14 -7.13
C SER B 134 21.94 13.65 -7.19
N THR B 135 22.53 14.20 -8.25
CA THR B 135 22.75 15.64 -8.40
C THR B 135 22.54 16.01 -9.86
N PHE B 136 22.43 17.31 -10.13
CA PHE B 136 22.20 17.76 -11.51
C PHE B 136 23.37 17.38 -12.39
N GLU B 137 24.59 17.41 -11.86
CA GLU B 137 25.77 17.00 -12.63
C GLU B 137 25.64 15.55 -13.10
N ASP B 138 24.99 14.70 -12.30
CA ASP B 138 24.81 13.30 -12.70
C ASP B 138 23.94 13.19 -13.94
N GLY B 139 22.88 13.99 -14.03
CA GLY B 139 22.05 13.98 -15.22
C GLY B 139 22.73 14.65 -16.39
N LEU B 140 23.52 15.70 -16.12
CA LEU B 140 24.30 16.35 -17.17
C LEU B 140 25.31 15.38 -17.78
N TRP B 141 26.01 14.62 -16.93
CA TRP B 141 26.86 13.54 -17.44
C TRP B 141 26.05 12.56 -18.26
N ALA B 142 24.91 12.13 -17.74
CA ALA B 142 24.06 11.19 -18.46
C ALA B 142 23.63 11.76 -19.80
N ASN B 143 23.41 13.08 -19.85
CA ASN B 143 23.07 13.73 -21.11
C ASN B 143 24.19 13.59 -22.12
N SER B 144 25.44 13.85 -21.71
CA SER B 144 26.57 13.77 -22.61
C SER B 144 26.75 12.37 -23.20
N GLN B 145 26.24 11.34 -22.54
CA GLN B 145 26.43 9.97 -22.98
C GLN B 145 25.26 9.42 -23.79
N GLY B 146 24.23 10.24 -24.04
CA GLY B 146 23.10 9.77 -24.81
C GLY B 146 22.06 8.99 -24.03
N VAL B 147 22.03 9.13 -22.71
CA VAL B 147 21.07 8.38 -21.90
C VAL B 147 19.68 8.97 -22.09
N GLU B 148 18.70 8.09 -22.33
CA GLU B 148 17.37 8.55 -22.71
C GLU B 148 16.60 9.15 -21.53
N ILE B 149 16.83 8.66 -20.31
CA ILE B 149 16.00 9.01 -19.16
C ILE B 149 16.92 9.37 -18.00
N VAL B 150 16.57 10.44 -17.28
CA VAL B 150 17.24 10.82 -16.04
C VAL B 150 16.21 10.84 -14.92
N GLY B 151 16.59 10.36 -13.74
CA GLY B 151 15.70 10.31 -12.61
C GLY B 151 16.35 10.82 -11.34
N SER B 152 15.52 11.39 -10.46
CA SER B 152 15.95 11.84 -9.14
C SER B 152 16.04 10.69 -8.13
N THR B 153 16.19 9.46 -8.61
CA THR B 153 16.14 8.28 -7.75
C THR B 153 17.09 8.37 -6.57
N LEU B 154 18.32 8.83 -6.80
CA LEU B 154 19.38 8.74 -5.82
C LEU B 154 19.59 10.02 -5.03
N SER B 155 18.73 11.03 -5.22
CA SER B 155 18.83 12.26 -4.46
C SER B 155 18.51 11.99 -2.99
N GLY B 156 19.44 12.32 -2.11
CA GLY B 156 19.26 12.08 -0.70
C GLY B 156 19.75 10.74 -0.20
N TYR B 157 20.27 9.90 -1.09
CA TYR B 157 20.71 8.55 -0.75
C TYR B 157 22.22 8.39 -0.95
N VAL B 158 22.96 9.49 -0.79
CA VAL B 158 24.41 9.48 -0.96
C VAL B 158 25.06 9.94 0.35
N GLY B 159 24.36 10.76 1.11
CA GLY B 159 24.85 11.26 2.38
C GLY B 159 24.33 10.46 3.55
N ASP B 160 24.40 11.07 4.74
CA ASP B 160 23.99 10.41 5.96
C ASP B 160 22.48 10.53 6.19
N ILE B 161 22.04 11.64 6.79
CA ILE B 161 20.63 11.84 7.11
C ILE B 161 19.79 11.77 5.84
N GLU B 162 19.09 10.65 5.66
CA GLU B 162 18.34 10.46 4.42
C GLU B 162 16.96 11.10 4.54
N PRO B 163 16.59 11.95 3.57
CA PRO B 163 15.42 12.82 3.74
C PRO B 163 14.08 12.12 3.83
N THR B 164 13.02 12.91 3.92
CA THR B 164 11.64 12.47 4.08
C THR B 164 10.71 13.05 3.01
N VAL B 165 10.90 14.31 2.63
CA VAL B 165 10.10 14.93 1.59
C VAL B 165 10.78 14.67 0.24
N PRO B 166 10.04 14.67 -0.87
CA PRO B 166 10.69 14.56 -2.18
C PRO B 166 11.62 15.74 -2.45
N ASP B 167 12.47 15.58 -3.46
CA ASP B 167 13.38 16.63 -3.89
C ASP B 167 12.83 17.20 -5.19
N PHE B 168 11.97 18.22 -5.07
CA PHE B 168 11.32 18.78 -6.25
C PHE B 168 12.26 19.65 -7.07
N GLN B 169 13.33 20.17 -6.46
CA GLN B 169 14.20 21.10 -7.18
C GLN B 169 14.97 20.39 -8.28
N LEU B 170 15.48 19.19 -8.00
CA LEU B 170 16.20 18.44 -9.03
C LEU B 170 15.28 18.05 -10.18
N VAL B 171 14.03 17.70 -9.87
CA VAL B 171 13.06 17.38 -10.92
C VAL B 171 12.82 18.61 -11.78
N LYS B 172 12.71 19.79 -11.16
CA LYS B 172 12.58 21.01 -11.93
C LYS B 172 13.83 21.30 -12.74
N ALA B 173 15.01 21.09 -12.14
CA ALA B 173 16.27 21.36 -12.84
C ALA B 173 16.42 20.46 -14.05
N PHE B 174 16.20 19.16 -13.88
CA PHE B 174 16.25 18.24 -15.01
C PHE B 174 15.22 18.63 -16.08
N SER B 175 14.04 19.07 -15.64
CA SER B 175 13.02 19.49 -16.60
C SER B 175 13.39 20.79 -17.29
N GLU B 176 13.98 21.73 -16.54
CA GLU B 176 14.38 23.01 -17.12
C GLU B 176 15.40 22.84 -18.23
N ALA B 177 16.25 21.82 -18.14
CA ALA B 177 17.30 21.58 -19.13
C ALA B 177 16.78 20.90 -20.39
N GLY B 178 15.51 20.51 -20.42
CA GLY B 178 14.99 19.77 -21.55
C GLY B 178 15.11 18.26 -21.44
N PHE B 179 15.53 17.74 -20.30
CA PHE B 179 15.68 16.30 -20.14
C PHE B 179 14.33 15.61 -20.05
N PHE B 180 14.32 14.34 -20.44
CA PHE B 180 13.16 13.46 -20.30
C PHE B 180 13.20 12.88 -18.88
N THR B 181 12.51 13.55 -17.96
CA THR B 181 12.74 13.43 -16.53
C THR B 181 11.71 12.51 -15.87
N MET B 182 12.19 11.56 -15.08
CA MET B 182 11.37 10.71 -14.23
C MET B 182 11.57 11.12 -12.77
N ALA B 183 10.49 11.56 -12.13
CA ALA B 183 10.54 11.87 -10.70
C ALA B 183 10.40 10.58 -9.90
N GLU B 184 11.38 10.29 -9.04
CA GLU B 184 11.37 9.07 -8.27
C GLU B 184 12.05 9.30 -6.93
N GLY B 185 11.44 8.80 -5.86
CA GLY B 185 12.00 8.92 -4.54
C GLY B 185 11.17 9.73 -3.57
N ARG B 186 10.51 9.04 -2.63
CA ARG B 186 9.84 9.67 -1.49
C ARG B 186 8.55 10.41 -1.86
N TYR B 187 8.01 10.15 -3.05
CA TYR B 187 6.71 10.67 -3.47
C TYR B 187 5.63 9.74 -2.90
N ASN B 188 5.24 10.00 -1.67
CA ASN B 188 4.50 9.02 -0.87
C ASN B 188 3.00 9.25 -0.83
N THR B 189 2.49 10.33 -1.43
CA THR B 189 1.07 10.59 -1.51
C THR B 189 0.71 11.01 -2.91
N PRO B 190 -0.56 10.87 -3.32
CA PRO B 190 -0.95 11.28 -4.68
C PRO B 190 -0.75 12.76 -4.98
N GLU B 191 -0.82 13.65 -3.98
CA GLU B 191 -0.64 15.06 -4.30
C GLU B 191 0.83 15.44 -4.45
N LEU B 192 1.74 14.79 -3.71
CA LEU B 192 3.16 15.07 -3.92
C LEU B 192 3.64 14.48 -5.24
N ALA B 193 3.05 13.36 -5.67
CA ALA B 193 3.33 12.84 -7.00
C ALA B 193 2.71 13.71 -8.08
N ALA B 194 1.66 14.48 -7.73
CA ALA B 194 1.09 15.45 -8.66
C ALA B 194 1.95 16.71 -8.75
N LYS B 195 2.50 17.15 -7.62
CA LYS B 195 3.45 18.27 -7.65
C LYS B 195 4.69 17.94 -8.45
N ALA B 196 5.03 16.65 -8.59
CA ALA B 196 6.16 16.26 -9.42
C ALA B 196 5.86 16.53 -10.90
N ILE B 197 4.68 16.11 -11.35
CA ILE B 197 4.27 16.39 -12.73
C ILE B 197 4.21 17.89 -12.97
N GLU B 198 3.67 18.64 -12.00
CA GLU B 198 3.64 20.09 -12.13
C GLU B 198 5.04 20.67 -12.09
N SER B 199 5.98 19.99 -11.44
CA SER B 199 7.38 20.37 -11.47
C SER B 199 8.05 20.06 -12.80
N GLY B 200 7.34 19.43 -13.74
CA GLY B 200 7.86 19.18 -15.07
C GLY B 200 8.24 17.74 -15.36
N ALA B 201 8.05 16.83 -14.42
CA ALA B 201 8.33 15.42 -14.68
C ALA B 201 7.36 14.85 -15.71
N VAL B 202 7.89 14.02 -16.61
CA VAL B 202 7.03 13.34 -17.57
C VAL B 202 6.17 12.29 -16.87
N ALA B 203 6.80 11.46 -16.05
CA ALA B 203 6.10 10.47 -15.23
C ALA B 203 6.70 10.50 -13.85
N VAL B 204 6.18 9.64 -12.97
CA VAL B 204 6.65 9.57 -11.59
C VAL B 204 6.62 8.12 -11.13
N THR B 205 7.68 7.70 -10.45
CA THR B 205 7.78 6.35 -9.90
C THR B 205 7.52 6.40 -8.40
N VAL B 206 6.67 5.51 -7.92
CA VAL B 206 6.30 5.42 -6.51
C VAL B 206 6.42 3.97 -6.07
N GLY B 207 7.12 3.74 -4.96
CA GLY B 207 7.36 2.39 -4.50
C GLY B 207 6.82 2.07 -3.11
N SER B 208 7.38 2.70 -2.08
CA SER B 208 7.06 2.33 -0.71
C SER B 208 5.57 2.51 -0.41
N ALA B 209 5.01 3.66 -0.80
CA ALA B 209 3.59 3.92 -0.53
C ALA B 209 2.67 2.91 -1.19
N LEU B 210 3.16 2.15 -2.16
CA LEU B 210 2.34 1.20 -2.91
C LEU B 210 2.64 -0.26 -2.62
N THR B 211 3.92 -0.64 -2.51
CA THR B 211 4.27 -2.06 -2.50
C THR B 211 5.18 -2.44 -1.33
N ARG B 212 5.23 -1.64 -0.27
CA ARG B 212 5.95 -1.99 0.95
C ARG B 212 4.97 -1.86 2.12
N LEU B 213 4.27 -2.96 2.40
CA LEU B 213 3.21 -2.95 3.39
C LEU B 213 3.75 -2.65 4.79
N GLU B 214 4.90 -3.23 5.13
CA GLU B 214 5.52 -2.95 6.42
C GLU B 214 5.79 -1.45 6.60
N VAL B 215 6.34 -0.82 5.57
CA VAL B 215 6.69 0.60 5.64
C VAL B 215 5.44 1.43 5.86
N VAL B 216 4.40 1.20 5.08
CA VAL B 216 3.19 2.00 5.19
C VAL B 216 2.47 1.73 6.50
N THR B 217 2.47 0.46 6.93
CA THR B 217 1.92 0.13 8.24
C THR B 217 2.57 0.94 9.36
N GLN B 218 3.90 0.98 9.36
CA GLN B 218 4.62 1.75 10.37
C GLN B 218 4.37 3.25 10.22
N TRP B 219 4.06 3.72 9.01
CA TRP B 219 3.70 5.12 8.82
C TRP B 219 2.46 5.49 9.61
N PHE B 220 1.46 4.60 9.66
CA PHE B 220 0.22 4.90 10.36
C PHE B 220 0.36 4.75 11.88
N ASN B 221 0.90 3.61 12.33
CA ASN B 221 1.06 3.40 13.78
C ASN B 221 1.94 4.47 14.41
N ASN B 222 2.94 4.96 13.68
CA ASN B 222 3.78 6.04 14.21
C ASN B 222 2.94 7.26 14.57
N ALA B 223 1.94 7.57 13.75
CA ALA B 223 1.12 8.77 13.99
C ALA B 223 0.02 8.49 15.02
N THR B 224 -0.60 7.31 14.96
CA THR B 224 -1.69 7.01 15.90
C THR B 224 -1.15 6.69 17.30
N GLN B 225 0.01 6.04 17.39
CA GLN B 225 0.56 5.71 18.70
C GLN B 225 1.09 6.95 19.41
N ALA B 226 1.77 7.84 18.67
CA ALA B 226 2.30 9.04 19.29
C ALA B 226 1.18 9.90 19.87
N ALA B 227 0.07 10.05 19.12
CA ALA B 227 -1.08 10.74 19.68
C ALA B 227 -1.76 9.90 20.76
N GLY B 228 -1.71 8.58 20.62
CA GLY B 228 -2.37 7.67 21.55
C GLY B 228 -1.74 7.63 22.93
N GLU B 229 -0.53 8.17 23.08
CA GLU B 229 0.12 8.30 24.37
C GLU B 229 0.06 9.72 24.91
N ARG B 230 -0.26 10.69 24.05
CA ARG B 230 -0.47 12.07 24.48
C ARG B 230 -1.80 12.22 25.18
P RFW C . -11.00 1.81 4.48
C1 RFW C . -16.00 -3.32 5.94
O1 RFW C . -15.27 -3.97 6.62
C2 RFW C . -15.49 -2.03 5.31
N2 RFW C . -16.53 -1.19 4.72
C3 RFW C . -14.37 -2.31 4.30
O3 RFW C . -14.84 -2.16 3.00
C4 RFW C . -13.17 -1.36 4.49
O4 RFW C . -12.01 -2.04 4.08
C5 RFW C . -12.96 -0.87 5.93
O5 RFW C . -13.83 0.17 6.27
C6 RFW C . -11.57 -0.26 5.99
O6 RFW C . -11.74 1.11 5.78
C7 RFW C . -17.68 -1.67 3.95
O7 RFW C . -17.85 -2.82 3.72
C8 RFW C . -18.68 -0.65 3.42
O1P RFW C . -9.60 2.22 4.87
O2P RFW C . -11.79 3.02 4.05
O3P RFW C . -10.95 0.82 3.35
C1 PGE D . -5.58 11.71 -0.71
O1 PGE D . -6.16 12.53 -1.69
C2 PGE D . -5.57 10.27 -1.23
O2 PGE D . -5.23 9.43 -0.17
C3 PGE D . -3.85 9.28 0.04
C4 PGE D . -3.46 7.88 -0.45
O4 PGE D . -0.39 5.71 1.83
C6 PGE D . -0.81 5.64 0.49
C5 PGE D . -2.27 6.06 0.42
O3 PGE D . -2.33 7.46 0.28
P RFW E . 9.86 5.19 -3.07
C1 RFW E . 15.67 1.59 -6.06
O1 RFW E . 15.22 1.20 -7.09
C2 RFW E . 14.92 2.66 -5.27
N2 RFW E . 15.74 3.47 -4.38
C3 RFW E . 13.79 2.02 -4.48
O3 RFW E . 14.28 1.49 -3.28
C4 RFW E . 12.70 3.05 -4.16
O4 RFW E . 11.58 2.39 -3.64
C5 RFW E . 12.27 3.82 -5.41
O5 RFW E . 12.98 5.03 -5.50
C6 RFW E . 10.80 4.15 -5.29
O6 RFW E . 10.68 5.29 -4.48
C7 RFW E . 17.12 3.25 -3.94
O7 RFW E . 17.75 2.31 -4.30
C8 RFW E . 17.77 4.23 -2.99
O1P RFW E . 8.37 5.30 -3.32
O2P RFW E . 10.30 6.30 -2.15
O3P RFW E . 10.15 3.86 -2.40
C1 PEG F . 32.00 19.07 -17.10
O1 PEG F . 32.76 20.21 -17.42
C2 PEG F . 30.52 19.43 -17.09
O2 PEG F . 30.30 20.43 -16.13
C3 PEG F . 29.12 21.14 -16.31
C4 PEG F . 29.29 22.56 -15.75
O4 PEG F . 29.98 22.49 -14.54
C1 PEG G . 13.16 13.79 -25.05
O1 PEG G . 13.03 13.17 -26.29
C2 PEG G . 12.28 15.04 -25.01
O2 PEG G . 12.31 15.60 -23.73
C3 PEG G . 11.32 16.56 -23.51
C4 PEG G . 10.61 16.26 -22.19
O4 PEG G . 9.26 16.58 -22.31
C1 EDO H . 3.03 -3.31 -26.84
O1 EDO H . 4.01 -3.27 -25.84
C2 EDO H . 2.16 -4.55 -26.66
O2 EDO H . 0.83 -4.18 -26.42
#